data_7UWG
#
_entry.id   7UWG
#
_cell.length_a   54.683
_cell.length_b   67.770
_cell.length_c   72.167
_cell.angle_alpha   90.000
_cell.angle_beta   110.460
_cell.angle_gamma   90.000
#
_symmetry.space_group_name_H-M   'P 1 21 1'
#
loop_
_entity.id
_entity.type
_entity.pdbx_description
1 polymer 'Molecular chaperone Tir'
2 non-polymer 'SULFATE ION'
3 non-polymer 'HEXAETHYLENE GLYCOL'
4 water water
#
_entity_poly.entity_id   1
_entity_poly.type   'polypeptide(L)'
_entity_poly.pdbx_seq_one_letter_code
;SNAEYDLFISHASEDKEDFVRPLAETLQQLGVNVWYDEFTLKVGDSLRQKIDSGLRNSKYGTVVLSTDFIKKDWTNYELD
GLVAREMNGHKMILPIWHKITKNDVLDYSPNLADKVALNTSVNSIEEIAHQLADVIL
;
_entity_poly.pdbx_strand_id   A,B,C,D
#
# COMPACT_ATOMS: atom_id res chain seq x y z
N ALA A 3 10.66 -19.51 27.68
CA ALA A 3 9.39 -18.86 27.37
C ALA A 3 8.35 -19.90 26.98
N GLU A 4 7.18 -19.83 27.62
CA GLU A 4 6.12 -20.79 27.33
C GLU A 4 5.44 -20.50 25.99
N TYR A 5 5.44 -19.25 25.54
CA TYR A 5 4.71 -18.86 24.34
C TYR A 5 5.66 -18.29 23.30
N ASP A 6 5.29 -18.46 22.03
CA ASP A 6 6.05 -17.87 20.93
C ASP A 6 5.79 -16.38 20.80
N LEU A 7 4.54 -15.95 20.94
CA LEU A 7 4.16 -14.58 20.61
C LEU A 7 3.00 -14.14 21.49
N PHE A 8 3.08 -12.89 21.98
CA PHE A 8 1.95 -12.24 22.60
C PHE A 8 1.60 -11.00 21.78
N ILE A 9 0.32 -10.64 21.77
CA ILE A 9 -0.20 -9.58 20.92
C ILE A 9 -0.79 -8.51 21.82
N SER A 10 -0.10 -7.37 21.92
CA SER A 10 -0.63 -6.22 22.63
C SER A 10 -1.66 -5.51 21.76
N HIS A 11 -2.75 -5.07 22.38
CA HIS A 11 -3.90 -4.60 21.60
C HIS A 11 -4.86 -3.85 22.52
N ALA A 12 -5.73 -3.07 21.88
CA ALA A 12 -6.88 -2.46 22.54
C ALA A 12 -8.08 -3.39 22.48
N SER A 13 -9.00 -3.20 23.43
CA SER A 13 -10.18 -4.06 23.50
C SER A 13 -11.05 -3.95 22.24
N GLU A 14 -11.08 -2.76 21.62
CA GLU A 14 -11.89 -2.58 20.42
C GLU A 14 -11.48 -3.51 19.28
N ASP A 15 -10.22 -3.95 19.27
CA ASP A 15 -9.68 -4.77 18.20
C ASP A 15 -9.54 -6.24 18.58
N LYS A 16 -10.00 -6.63 19.77
CA LYS A 16 -9.73 -7.98 20.25
C LYS A 16 -10.49 -9.04 19.46
N GLU A 17 -11.82 -8.91 19.39
CA GLU A 17 -12.62 -9.98 18.80
C GLU A 17 -12.58 -9.96 17.27
N ASP A 18 -12.54 -8.79 16.65
CA ASP A 18 -12.65 -8.71 15.21
C ASP A 18 -11.31 -8.62 14.48
N PHE A 19 -10.18 -8.56 15.20
CA PHE A 19 -8.90 -8.66 14.51
C PHE A 19 -7.91 -9.57 15.22
N VAL A 20 -7.66 -9.33 16.50
CA VAL A 20 -6.64 -10.09 17.21
C VAL A 20 -7.01 -11.56 17.26
N ARG A 21 -8.28 -11.87 17.51
CA ARG A 21 -8.71 -13.27 17.54
C ARG A 21 -8.52 -13.97 16.20
N PRO A 22 -9.02 -13.46 15.06
CA PRO A 22 -8.72 -14.14 13.79
C PRO A 22 -7.23 -14.21 13.47
N LEU A 23 -6.47 -13.15 13.76
CA LEU A 23 -5.03 -13.20 13.53
C LEU A 23 -4.38 -14.28 14.38
N ALA A 24 -4.78 -14.39 15.65
CA ALA A 24 -4.20 -15.42 16.51
C ALA A 24 -4.53 -16.82 15.99
N GLU A 25 -5.77 -17.03 15.56
CA GLU A 25 -6.17 -18.32 15.01
C GLU A 25 -5.39 -18.64 13.74
N THR A 26 -5.17 -17.64 12.88
CA THR A 26 -4.37 -17.86 11.68
C THR A 26 -2.94 -18.23 12.06
N LEU A 27 -2.36 -17.53 13.04
CA LEU A 27 -1.02 -17.86 13.51
C LEU A 27 -0.97 -19.28 14.08
N GLN A 28 -1.99 -19.68 14.83
CA GLN A 28 -2.02 -21.03 15.38
C GLN A 28 -2.09 -22.08 14.28
N GLN A 29 -2.83 -21.77 13.21
CA GLN A 29 -2.88 -22.68 12.06
C GLN A 29 -1.51 -22.82 11.40
N LEU A 30 -0.68 -21.78 11.45
CA LEU A 30 0.66 -21.87 10.91
C LEU A 30 1.66 -22.52 11.87
N GLY A 31 1.22 -22.86 13.07
CA GLY A 31 2.08 -23.50 14.06
C GLY A 31 2.64 -22.59 15.13
N VAL A 32 2.26 -21.31 15.16
CA VAL A 32 2.76 -20.39 16.17
C VAL A 32 1.93 -20.51 17.43
N ASN A 33 2.60 -20.67 18.57
CA ASN A 33 1.95 -20.71 19.88
C ASN A 33 1.80 -19.27 20.36
N VAL A 34 0.60 -18.72 20.22
CA VAL A 34 0.34 -17.31 20.47
C VAL A 34 -0.74 -17.17 21.54
N TRP A 35 -0.60 -16.15 22.39
CA TRP A 35 -1.65 -15.77 23.33
C TRP A 35 -1.78 -14.25 23.34
N TYR A 36 -2.93 -13.77 23.80
CA TYR A 36 -3.24 -12.34 23.70
C TYR A 36 -4.24 -11.88 24.76
N ASP A 37 -4.96 -12.84 25.36
CA ASP A 37 -6.10 -12.49 26.20
C ASP A 37 -5.71 -11.60 27.37
N GLU A 38 -4.52 -11.78 27.93
CA GLU A 38 -4.08 -11.04 29.11
C GLU A 38 -3.47 -9.69 28.78
N PHE A 39 -3.35 -9.33 27.51
CA PHE A 39 -2.63 -8.13 27.10
C PHE A 39 -3.55 -7.09 26.48
N THR A 40 -4.86 -7.19 26.74
CA THR A 40 -5.81 -6.15 26.34
C THR A 40 -5.56 -4.87 27.13
N LEU A 41 -5.37 -3.78 26.40
CA LEU A 41 -5.16 -2.45 26.99
C LEU A 41 -6.50 -1.74 27.15
N LYS A 42 -6.89 -1.48 28.41
CA LYS A 42 -8.07 -0.67 28.70
C LYS A 42 -7.64 0.70 29.19
N VAL A 43 -8.58 1.64 29.20
CA VAL A 43 -8.29 3.02 29.61
C VAL A 43 -7.73 3.04 31.03
N GLY A 44 -6.64 3.80 31.21
CA GLY A 44 -5.98 3.89 32.49
C GLY A 44 -5.08 2.74 32.85
N ASP A 45 -4.90 1.77 31.96
CA ASP A 45 -3.95 0.68 32.16
C ASP A 45 -2.53 1.15 31.91
N SER A 46 -1.58 0.50 32.58
CA SER A 46 -0.17 0.67 32.25
C SER A 46 0.16 -0.28 31.12
N LEU A 47 0.53 0.27 29.95
CA LEU A 47 0.90 -0.56 28.83
C LEU A 47 2.18 -1.33 29.10
N ARG A 48 3.20 -0.65 29.66
CA ARG A 48 4.47 -1.30 29.91
C ARG A 48 4.34 -2.45 30.91
N GLN A 49 3.36 -2.37 31.81
CA GLN A 49 3.07 -3.51 32.68
C GLN A 49 2.68 -4.73 31.86
N LYS A 50 1.79 -4.54 30.89
CA LYS A 50 1.39 -5.63 30.00
C LYS A 50 2.59 -6.12 29.18
N ILE A 51 3.42 -5.19 28.69
CA ILE A 51 4.53 -5.54 27.83
C ILE A 51 5.57 -6.34 28.62
N ASP A 52 5.89 -5.88 29.82
CA ASP A 52 6.84 -6.60 30.68
C ASP A 52 6.36 -8.03 30.94
N SER A 53 5.07 -8.20 31.22
CA SER A 53 4.52 -9.54 31.40
C SER A 53 4.64 -10.37 30.12
N GLY A 54 4.29 -9.77 28.98
CA GLY A 54 4.37 -10.50 27.73
C GLY A 54 5.78 -10.93 27.36
N LEU A 55 6.73 -10.01 27.48
CA LEU A 55 8.11 -10.35 27.11
C LEU A 55 8.73 -11.31 28.11
N ARG A 56 8.18 -11.40 29.31
CA ARG A 56 8.72 -12.29 30.32
C ARG A 56 8.42 -13.75 30.00
N ASN A 57 7.31 -14.04 29.34
CA ASN A 57 6.90 -15.40 29.05
C ASN A 57 6.68 -15.67 27.57
N SER A 58 7.13 -14.78 26.68
CA SER A 58 6.97 -14.96 25.25
C SER A 58 8.26 -14.61 24.54
N LYS A 59 8.58 -15.39 23.50
CA LYS A 59 9.77 -15.11 22.72
C LYS A 59 9.65 -13.79 21.97
N TYR A 60 8.46 -13.46 21.49
CA TYR A 60 8.25 -12.26 20.70
C TYR A 60 6.93 -11.59 21.10
N GLY A 61 6.82 -10.31 20.77
CA GLY A 61 5.59 -9.58 20.92
C GLY A 61 5.39 -8.64 19.75
N THR A 62 4.13 -8.26 19.54
CA THR A 62 3.79 -7.26 18.54
C THR A 62 2.67 -6.39 19.08
N VAL A 63 2.41 -5.28 18.39
CA VAL A 63 1.41 -4.31 18.82
C VAL A 63 0.44 -4.05 17.67
N VAL A 64 -0.86 -4.05 17.96
CA VAL A 64 -1.88 -3.68 17.00
C VAL A 64 -2.17 -2.19 17.20
N LEU A 65 -1.62 -1.35 16.31
CA LEU A 65 -1.66 0.10 16.45
C LEU A 65 -2.92 0.66 15.80
N SER A 66 -3.97 0.82 16.59
CA SER A 66 -5.21 1.43 16.15
C SER A 66 -5.36 2.83 16.74
N THR A 67 -6.30 3.59 16.18
CA THR A 67 -6.68 4.86 16.78
C THR A 67 -7.08 4.68 18.23
N ASP A 68 -7.88 3.65 18.50
CA ASP A 68 -8.28 3.35 19.87
C ASP A 68 -7.06 3.06 20.76
N PHE A 69 -6.15 2.23 20.26
CA PHE A 69 -4.96 1.88 21.04
C PHE A 69 -4.13 3.11 21.36
N ILE A 70 -3.86 3.95 20.34
CA ILE A 70 -2.94 5.06 20.52
C ILE A 70 -3.58 6.18 21.35
N LYS A 71 -4.90 6.28 21.37
CA LYS A 71 -5.51 7.28 22.24
C LYS A 71 -5.67 6.79 23.67
N LYS A 72 -5.58 5.47 23.89
CA LYS A 72 -5.59 4.91 25.23
C LYS A 72 -4.20 4.84 25.85
N ASP A 73 -3.15 4.78 25.04
CA ASP A 73 -1.79 4.61 25.52
C ASP A 73 -1.32 5.89 26.21
N TRP A 74 -1.09 5.81 27.52
CA TRP A 74 -0.71 7.00 28.27
C TRP A 74 0.61 7.59 27.77
N THR A 75 1.51 6.75 27.29
CA THR A 75 2.74 7.25 26.65
C THR A 75 2.74 6.87 25.18
N ASN A 76 1.64 7.18 24.48
CA ASN A 76 1.54 6.89 23.06
C ASN A 76 2.66 7.54 22.27
N TYR A 77 3.12 8.73 22.70
CA TYR A 77 4.19 9.44 22.00
C TYR A 77 5.52 8.70 22.06
N GLU A 78 5.65 7.68 22.90
CA GLU A 78 6.88 6.91 23.04
C GLU A 78 6.79 5.53 22.39
N LEU A 79 5.69 5.26 21.67
CA LEU A 79 5.54 4.00 20.96
C LEU A 79 6.71 3.71 20.03
N ASP A 80 7.36 4.74 19.49
CA ASP A 80 8.46 4.52 18.56
C ASP A 80 9.60 3.76 19.20
N GLY A 81 9.78 3.92 20.52
CA GLY A 81 10.71 3.10 21.26
C GLY A 81 10.16 1.76 21.69
N LEU A 82 8.87 1.72 22.02
CA LEU A 82 8.28 0.53 22.62
C LEU A 82 8.05 -0.59 21.61
N VAL A 83 7.73 -0.26 20.36
CA VAL A 83 7.43 -1.29 19.37
C VAL A 83 8.67 -2.09 18.97
N ALA A 84 9.86 -1.64 19.38
CA ALA A 84 11.09 -2.38 19.16
C ALA A 84 11.76 -2.77 20.47
N ARG A 85 11.05 -2.68 21.59
CA ARG A 85 11.62 -2.96 22.89
C ARG A 85 11.98 -4.44 23.03
N GLU A 86 13.08 -4.72 23.73
CA GLU A 86 13.45 -6.09 24.05
C GLU A 86 13.74 -6.23 25.54
N MET A 87 13.55 -7.44 26.05
CA MET A 87 13.70 -7.76 27.46
C MET A 87 13.95 -9.26 27.59
N ASN A 88 15.01 -9.62 28.32
CA ASN A 88 15.41 -11.02 28.52
C ASN A 88 15.63 -11.73 27.20
N GLY A 89 16.13 -11.01 26.20
CA GLY A 89 16.34 -11.60 24.89
C GLY A 89 15.08 -11.77 24.06
N HIS A 90 13.92 -11.38 24.59
CA HIS A 90 12.64 -11.46 23.90
C HIS A 90 12.33 -10.10 23.29
N LYS A 91 11.73 -10.10 22.10
CA LYS A 91 11.75 -8.94 21.22
C LYS A 91 10.35 -8.54 20.79
N MET A 92 10.02 -7.26 20.93
CA MET A 92 8.90 -6.69 20.23
C MET A 92 9.25 -6.55 18.75
N ILE A 93 8.42 -7.09 17.87
CA ILE A 93 8.70 -7.10 16.45
C ILE A 93 7.45 -6.75 15.66
N LEU A 94 7.67 -6.34 14.41
CA LEU A 94 6.62 -6.21 13.40
C LEU A 94 5.33 -5.54 13.90
N PRO A 95 5.40 -4.27 14.29
CA PRO A 95 4.16 -3.56 14.65
C PRO A 95 3.22 -3.49 13.45
N ILE A 96 1.91 -3.42 13.76
CA ILE A 96 0.86 -3.56 12.75
C ILE A 96 -0.03 -2.33 12.77
N TRP A 97 0.00 -1.54 11.70
CA TRP A 97 -1.04 -0.53 11.51
C TRP A 97 -2.38 -1.21 11.30
N HIS A 98 -3.40 -0.78 12.05
CA HIS A 98 -4.71 -1.40 11.97
C HIS A 98 -5.75 -0.39 12.40
N LYS A 99 -6.60 0.04 11.48
CA LYS A 99 -7.68 0.99 11.77
C LYS A 99 -7.13 2.25 12.45
N ILE A 100 -6.22 2.92 11.75
CA ILE A 100 -5.59 4.13 12.23
C ILE A 100 -5.51 5.12 11.08
N THR A 101 -5.46 6.41 11.42
CA THR A 101 -5.33 7.46 10.43
C THR A 101 -3.95 8.11 10.55
N LYS A 102 -3.48 8.69 9.44
CA LYS A 102 -2.21 9.39 9.48
C LYS A 102 -2.26 10.57 10.43
N ASN A 103 -3.41 11.27 10.49
CA ASN A 103 -3.56 12.36 11.45
C ASN A 103 -3.42 11.85 12.88
N ASP A 104 -3.89 10.62 13.16
CA ASP A 104 -3.73 10.05 14.50
C ASP A 104 -2.25 9.87 14.84
N VAL A 105 -1.45 9.44 13.87
CA VAL A 105 -0.01 9.33 14.10
C VAL A 105 0.61 10.71 14.30
N LEU A 106 0.19 11.69 13.49
CA LEU A 106 0.72 13.05 13.64
C LEU A 106 0.34 13.66 14.98
N ASP A 107 -0.85 13.35 15.48
CA ASP A 107 -1.33 13.96 16.72
C ASP A 107 -0.70 13.33 17.96
N TYR A 108 -0.56 12.01 17.98
CA TYR A 108 -0.27 11.31 19.23
C TYR A 108 1.05 10.54 19.25
N SER A 109 1.71 10.34 18.10
CA SER A 109 3.00 9.66 18.07
C SER A 109 3.69 9.91 16.74
N PRO A 110 4.16 11.14 16.49
CA PRO A 110 4.73 11.46 15.17
C PRO A 110 6.00 10.69 14.80
N ASN A 111 6.86 10.35 15.78
CA ASN A 111 8.11 9.67 15.43
C ASN A 111 7.90 8.20 15.06
N LEU A 112 6.71 7.66 15.30
CA LEU A 112 6.36 6.28 14.97
C LEU A 112 6.25 6.03 13.47
N ALA A 113 6.18 7.10 12.66
CA ALA A 113 5.72 6.99 11.27
C ALA A 113 6.57 6.03 10.42
N ASP A 114 7.90 6.11 10.53
CA ASP A 114 8.72 5.26 9.67
C ASP A 114 9.22 4.03 10.39
N LYS A 115 8.60 3.69 11.53
CA LYS A 115 8.93 2.50 12.28
C LYS A 115 8.05 1.31 11.94
N VAL A 116 6.95 1.52 11.22
CA VAL A 116 5.94 0.51 11.00
C VAL A 116 5.75 0.32 9.50
N ALA A 117 5.59 -0.93 9.08
CA ALA A 117 5.37 -1.28 7.68
C ALA A 117 4.09 -2.05 7.45
N LEU A 118 3.75 -3.01 8.31
CA LEU A 118 2.53 -3.77 8.10
C LEU A 118 1.30 -2.88 8.34
N ASN A 119 0.26 -3.11 7.55
CA ASN A 119 -0.92 -2.26 7.54
C ASN A 119 -2.09 -3.10 7.07
N THR A 120 -3.10 -3.30 7.94
CA THR A 120 -4.19 -4.19 7.59
C THR A 120 -5.11 -3.62 6.51
N SER A 121 -4.99 -2.33 6.18
CA SER A 121 -5.75 -1.80 5.05
C SER A 121 -5.11 -2.12 3.71
N VAL A 122 -3.83 -2.53 3.71
CA VAL A 122 -3.13 -2.90 2.48
C VAL A 122 -2.74 -4.37 2.53
N ASN A 123 -2.48 -4.90 3.72
CA ASN A 123 -2.02 -6.26 3.89
C ASN A 123 -3.14 -7.11 4.48
N SER A 124 -3.27 -8.34 3.98
CA SER A 124 -4.27 -9.26 4.51
C SER A 124 -3.79 -9.85 5.84
N ILE A 125 -4.74 -10.44 6.56
CA ILE A 125 -4.40 -11.13 7.80
C ILE A 125 -3.42 -12.26 7.54
N GLU A 126 -3.60 -12.97 6.43
CA GLU A 126 -2.72 -14.08 6.10
C GLU A 126 -1.30 -13.60 5.81
N GLU A 127 -1.16 -12.47 5.08
CA GLU A 127 0.18 -11.93 4.83
C GLU A 127 0.88 -11.55 6.14
N ILE A 128 0.14 -10.90 7.05
CA ILE A 128 0.73 -10.49 8.31
C ILE A 128 1.13 -11.71 9.14
N ALA A 129 0.29 -12.75 9.16
CA ALA A 129 0.60 -13.94 9.93
C ALA A 129 1.86 -14.63 9.42
N HIS A 130 2.05 -14.65 8.09
CA HIS A 130 3.24 -15.27 7.54
C HIS A 130 4.52 -14.53 7.92
N GLN A 131 4.47 -13.20 8.00
CA GLN A 131 5.65 -12.45 8.43
C GLN A 131 6.05 -12.85 9.84
N LEU A 132 5.07 -12.98 10.74
CA LEU A 132 5.35 -13.39 12.10
C LEU A 132 5.79 -14.85 12.16
N ALA A 133 5.11 -15.72 11.42
CA ALA A 133 5.42 -17.15 11.45
C ALA A 133 6.82 -17.43 10.92
N ASP A 134 7.23 -16.76 9.84
CA ASP A 134 8.54 -17.01 9.25
C ASP A 134 9.67 -16.65 10.23
N VAL A 135 9.47 -15.63 11.06
CA VAL A 135 10.49 -15.24 12.02
C VAL A 135 10.52 -16.21 13.21
N ILE A 136 9.36 -16.68 13.63
CA ILE A 136 9.26 -17.48 14.85
C ILE A 136 9.68 -18.92 14.60
N LEU A 137 9.27 -19.50 13.48
CA LEU A 137 9.49 -20.91 13.21
C LEU A 137 10.77 -21.16 12.41
N ALA B 3 27.39 -17.42 13.56
CA ALA B 3 27.27 -16.64 12.33
C ALA B 3 28.03 -15.32 12.45
N GLU B 4 28.89 -15.04 11.46
CA GLU B 4 29.65 -13.80 11.48
C GLU B 4 28.79 -12.59 11.13
N TYR B 5 27.72 -12.79 10.36
CA TYR B 5 26.88 -11.70 9.87
C TYR B 5 25.45 -11.82 10.39
N ASP B 6 24.81 -10.67 10.54
CA ASP B 6 23.41 -10.62 10.95
C ASP B 6 22.47 -10.99 9.80
N LEU B 7 22.74 -10.47 8.60
CA LEU B 7 21.78 -10.55 7.51
C LEU B 7 22.50 -10.57 6.16
N PHE B 8 22.02 -11.41 5.26
CA PHE B 8 22.40 -11.36 3.86
C PHE B 8 21.17 -11.10 3.01
N ILE B 9 21.37 -10.47 1.86
CA ILE B 9 20.29 -10.03 0.97
C ILE B 9 20.44 -10.74 -0.37
N SER B 10 19.56 -11.69 -0.64
CA SER B 10 19.52 -12.32 -1.95
C SER B 10 18.82 -11.38 -2.93
N HIS B 11 19.36 -11.31 -4.15
CA HIS B 11 18.94 -10.27 -5.07
C HIS B 11 19.42 -10.58 -6.48
N ALA B 12 18.80 -9.93 -7.44
CA ALA B 12 19.27 -9.92 -8.81
C ALA B 12 20.27 -8.77 -9.01
N SER B 13 21.16 -8.94 -10.00
CA SER B 13 22.18 -7.92 -10.25
C SER B 13 21.56 -6.61 -10.68
N GLU B 14 20.42 -6.64 -11.38
CA GLU B 14 19.76 -5.41 -11.81
C GLU B 14 19.37 -4.53 -10.64
N ASP B 15 19.17 -5.12 -9.46
CA ASP B 15 18.73 -4.38 -8.28
C ASP B 15 19.84 -4.18 -7.26
N LYS B 16 21.06 -4.58 -7.60
CA LYS B 16 22.16 -4.56 -6.63
C LYS B 16 22.55 -3.14 -6.26
N GLU B 17 22.88 -2.32 -7.26
CA GLU B 17 23.45 -1.01 -6.98
C GLU B 17 22.37 0.01 -6.56
N ASP B 18 21.18 -0.04 -7.16
CA ASP B 18 20.18 1.00 -6.92
C ASP B 18 19.15 0.64 -5.86
N PHE B 19 19.20 -0.56 -5.29
CA PHE B 19 18.33 -0.86 -4.15
C PHE B 19 19.04 -1.59 -3.02
N VAL B 20 19.69 -2.71 -3.34
CA VAL B 20 20.31 -3.52 -2.30
C VAL B 20 21.38 -2.73 -1.57
N ARG B 21 22.20 -1.98 -2.31
CA ARG B 21 23.20 -1.13 -1.68
C ARG B 21 22.58 -0.07 -0.77
N PRO B 22 21.63 0.76 -1.21
CA PRO B 22 21.01 1.71 -0.26
C PRO B 22 20.34 1.02 0.92
N LEU B 23 19.66 -0.11 0.69
CA LEU B 23 19.05 -0.84 1.79
C LEU B 23 20.10 -1.33 2.78
N ALA B 24 21.23 -1.84 2.26
CA ALA B 24 22.30 -2.28 3.13
C ALA B 24 22.90 -1.12 3.92
N GLU B 25 23.09 0.03 3.27
CA GLU B 25 23.63 1.20 3.97
C GLU B 25 22.69 1.66 5.08
N THR B 26 21.39 1.65 4.83
CA THR B 26 20.43 2.03 5.86
C THR B 26 20.47 1.05 7.03
N LEU B 27 20.52 -0.25 6.73
CA LEU B 27 20.58 -1.25 7.79
C LEU B 27 21.84 -1.09 8.65
N GLN B 28 22.97 -0.79 8.00
CA GLN B 28 24.23 -0.62 8.72
C GLN B 28 24.19 0.59 9.65
N GLN B 29 23.50 1.67 9.23
CA GLN B 29 23.32 2.81 10.12
C GLN B 29 22.52 2.42 11.35
N LEU B 30 21.61 1.46 11.21
CA LEU B 30 20.81 0.97 12.33
C LEU B 30 21.57 -0.05 13.17
N GLY B 31 22.78 -0.41 12.79
CA GLY B 31 23.59 -1.36 13.55
C GLY B 31 23.58 -2.78 13.05
N VAL B 32 22.92 -3.05 11.93
CA VAL B 32 22.85 -4.40 11.39
C VAL B 32 24.09 -4.67 10.54
N ASN B 33 24.76 -5.79 10.82
CA ASN B 33 25.91 -6.24 10.04
C ASN B 33 25.39 -7.04 8.86
N VAL B 34 25.34 -6.41 7.69
CA VAL B 34 24.72 -6.97 6.50
C VAL B 34 25.76 -7.06 5.38
N TRP B 35 25.69 -8.13 4.60
CA TRP B 35 26.49 -8.29 3.40
C TRP B 35 25.59 -8.86 2.29
N TYR B 36 26.01 -8.67 1.04
CA TYR B 36 25.17 -9.04 -0.09
C TYR B 36 25.97 -9.32 -1.35
N ASP B 37 27.25 -8.89 -1.38
CA ASP B 37 28.02 -8.91 -2.62
C ASP B 37 28.14 -10.32 -3.19
N GLU B 38 28.26 -11.33 -2.33
CA GLU B 38 28.50 -12.69 -2.80
C GLU B 38 27.23 -13.47 -3.12
N PHE B 39 26.05 -12.88 -2.90
CA PHE B 39 24.80 -13.61 -3.01
C PHE B 39 23.91 -13.09 -4.14
N THR B 40 24.51 -12.41 -5.12
CA THR B 40 23.81 -12.00 -6.32
C THR B 40 23.39 -13.20 -7.15
N LEU B 41 22.10 -13.26 -7.51
CA LEU B 41 21.58 -14.33 -8.34
C LEU B 41 21.73 -13.96 -9.82
N LYS B 42 22.54 -14.74 -10.53
CA LYS B 42 22.79 -14.57 -11.95
C LYS B 42 22.11 -15.68 -12.75
N VAL B 43 22.00 -15.46 -14.06
CA VAL B 43 21.38 -16.46 -14.94
C VAL B 43 22.15 -17.77 -14.85
N GLY B 44 21.42 -18.87 -14.71
CA GLY B 44 21.99 -20.19 -14.58
C GLY B 44 22.52 -20.53 -13.20
N ASP B 45 22.40 -19.62 -12.24
CA ASP B 45 22.73 -19.93 -10.86
C ASP B 45 21.62 -20.74 -10.20
N SER B 46 22.00 -21.54 -9.22
CA SER B 46 21.03 -22.21 -8.37
C SER B 46 20.59 -21.24 -7.27
N LEU B 47 19.30 -20.91 -7.24
CA LEU B 47 18.79 -20.05 -6.20
C LEU B 47 18.93 -20.68 -4.82
N ARG B 48 18.68 -21.99 -4.73
CA ARG B 48 18.85 -22.66 -3.45
C ARG B 48 20.31 -22.60 -2.97
N GLN B 49 21.26 -22.65 -3.90
CA GLN B 49 22.66 -22.55 -3.52
C GLN B 49 22.98 -21.15 -3.00
N LYS B 50 22.54 -20.12 -3.72
CA LYS B 50 22.76 -18.75 -3.26
C LYS B 50 22.11 -18.51 -1.90
N ILE B 51 20.92 -19.06 -1.68
CA ILE B 51 20.23 -18.85 -0.41
C ILE B 51 20.95 -19.61 0.71
N ASP B 52 21.26 -20.89 0.47
CA ASP B 52 22.00 -21.67 1.45
C ASP B 52 23.37 -21.08 1.73
N SER B 53 24.05 -20.56 0.70
CA SER B 53 25.33 -19.90 0.92
C SER B 53 25.19 -18.75 1.91
N GLY B 54 24.16 -17.92 1.73
CA GLY B 54 23.93 -16.83 2.67
C GLY B 54 23.61 -17.33 4.07
N LEU B 55 22.74 -18.33 4.17
CA LEU B 55 22.25 -18.78 5.46
C LEU B 55 23.28 -19.52 6.31
N ARG B 56 24.33 -20.08 5.71
CA ARG B 56 25.27 -20.84 6.54
C ARG B 56 26.14 -19.91 7.40
N ASN B 57 26.38 -18.68 6.94
CA ASN B 57 27.24 -17.75 7.67
C ASN B 57 26.51 -16.46 8.06
N SER B 58 25.17 -16.46 8.02
CA SER B 58 24.35 -15.32 8.40
C SER B 58 23.21 -15.78 9.28
N LYS B 59 22.87 -14.98 10.30
CA LYS B 59 21.77 -15.33 11.19
C LYS B 59 20.43 -15.32 10.44
N TYR B 60 20.25 -14.36 9.54
CA TYR B 60 19.00 -14.20 8.81
C TYR B 60 19.30 -13.85 7.36
N GLY B 61 18.28 -14.06 6.51
CA GLY B 61 18.35 -13.63 5.13
C GLY B 61 17.01 -13.11 4.66
N THR B 62 17.08 -12.32 3.59
CA THR B 62 15.87 -11.85 2.92
C THR B 62 16.14 -11.86 1.42
N VAL B 63 15.05 -11.73 0.65
CA VAL B 63 15.12 -11.80 -0.81
C VAL B 63 14.41 -10.59 -1.40
N VAL B 64 15.03 -9.98 -2.41
CA VAL B 64 14.43 -8.88 -3.17
C VAL B 64 13.71 -9.51 -4.36
N LEU B 65 12.38 -9.65 -4.25
CA LEU B 65 11.59 -10.35 -5.26
C LEU B 65 11.19 -9.38 -6.35
N SER B 66 12.02 -9.30 -7.39
CA SER B 66 11.78 -8.48 -8.56
C SER B 66 11.43 -9.34 -9.76
N THR B 67 10.89 -8.69 -10.79
CA THR B 67 10.68 -9.36 -12.07
C THR B 67 11.99 -9.94 -12.60
N ASP B 68 13.07 -9.17 -12.51
CA ASP B 68 14.38 -9.68 -12.91
C ASP B 68 14.80 -10.88 -12.07
N PHE B 69 14.57 -10.81 -10.75
CA PHE B 69 15.00 -11.89 -9.87
C PHE B 69 14.33 -13.21 -10.22
N ILE B 70 13.01 -13.21 -10.43
CA ILE B 70 12.28 -14.47 -10.61
C ILE B 70 12.54 -15.09 -11.97
N LYS B 71 12.96 -14.29 -12.95
CA LYS B 71 13.29 -14.76 -14.30
C LYS B 71 14.72 -15.30 -14.41
N LYS B 72 15.47 -15.35 -13.31
CA LYS B 72 16.86 -15.81 -13.38
C LYS B 72 16.95 -17.33 -13.50
N ASP B 73 16.22 -18.07 -12.65
CA ASP B 73 16.43 -19.50 -12.51
C ASP B 73 15.10 -20.25 -12.54
N TRP B 74 14.98 -21.23 -13.43
CA TRP B 74 13.88 -22.19 -13.39
C TRP B 74 14.13 -23.10 -12.21
N THR B 75 13.75 -22.63 -11.02
CA THR B 75 14.11 -23.31 -9.79
C THR B 75 13.30 -24.60 -9.62
N ASN B 76 13.92 -25.58 -8.96
CA ASN B 76 13.23 -26.83 -8.63
C ASN B 76 12.12 -26.62 -7.61
N TYR B 77 12.13 -25.50 -6.90
CA TYR B 77 11.24 -25.29 -5.76
C TYR B 77 10.20 -24.23 -6.06
N GLU B 78 9.02 -24.38 -5.45
CA GLU B 78 8.08 -23.28 -5.36
C GLU B 78 8.74 -22.15 -4.57
N LEU B 79 8.66 -20.93 -5.11
CA LEU B 79 9.37 -19.81 -4.51
C LEU B 79 8.96 -19.58 -3.06
N ASP B 80 7.70 -19.87 -2.71
CA ASP B 80 7.23 -19.64 -1.35
C ASP B 80 7.96 -20.53 -0.33
N GLY B 81 8.52 -21.65 -0.75
CA GLY B 81 9.34 -22.43 0.15
C GLY B 81 10.72 -21.85 0.36
N LEU B 82 11.29 -21.23 -0.68
CA LEU B 82 12.65 -20.71 -0.57
C LEU B 82 12.71 -19.39 0.20
N VAL B 83 11.68 -18.54 0.08
CA VAL B 83 11.71 -17.25 0.76
C VAL B 83 11.50 -17.37 2.25
N ALA B 84 11.09 -18.53 2.74
CA ALA B 84 10.96 -18.79 4.17
C ALA B 84 11.89 -19.91 4.62
N ARG B 85 12.87 -20.26 3.80
CA ARG B 85 13.76 -21.37 4.07
C ARG B 85 14.60 -21.12 5.31
N GLU B 86 14.82 -22.17 6.10
CA GLU B 86 15.74 -22.08 7.23
C GLU B 86 16.73 -23.23 7.14
N MET B 87 17.90 -23.01 7.74
CA MET B 87 19.00 -23.96 7.68
C MET B 87 19.92 -23.69 8.86
N ASN B 88 20.17 -24.74 9.65
CA ASN B 88 21.02 -24.66 10.83
C ASN B 88 20.58 -23.56 11.78
N GLY B 89 19.26 -23.38 11.90
CA GLY B 89 18.70 -22.36 12.76
C GLY B 89 18.74 -20.96 12.20
N HIS B 90 19.25 -20.75 10.99
CA HIS B 90 19.25 -19.45 10.34
C HIS B 90 18.07 -19.37 9.39
N LYS B 91 17.45 -18.21 9.30
CA LYS B 91 16.10 -18.09 8.75
C LYS B 91 16.02 -17.04 7.66
N MET B 92 15.43 -17.42 6.52
CA MET B 92 14.95 -16.44 5.57
C MET B 92 13.68 -15.78 6.12
N ILE B 93 13.66 -14.45 6.14
CA ILE B 93 12.56 -13.69 6.71
C ILE B 93 12.24 -12.51 5.80
N LEU B 94 11.02 -11.99 5.98
CA LEU B 94 10.56 -10.71 5.44
C LEU B 94 10.93 -10.53 3.97
N PRO B 95 10.39 -11.36 3.07
CA PRO B 95 10.61 -11.14 1.62
C PRO B 95 10.06 -9.78 1.18
N ILE B 96 10.68 -9.22 0.16
CA ILE B 96 10.42 -7.86 -0.28
C ILE B 96 9.98 -7.85 -1.73
N TRP B 97 8.73 -7.48 -1.98
CA TRP B 97 8.31 -7.13 -3.34
C TRP B 97 9.04 -5.86 -3.77
N HIS B 98 9.66 -5.89 -4.94
CA HIS B 98 10.44 -4.74 -5.40
C HIS B 98 10.50 -4.77 -6.92
N LYS B 99 9.89 -3.79 -7.57
CA LYS B 99 9.89 -3.68 -9.03
C LYS B 99 9.39 -4.97 -9.68
N ILE B 100 8.16 -5.34 -9.33
CA ILE B 100 7.49 -6.52 -9.84
C ILE B 100 6.04 -6.15 -10.08
N THR B 101 5.39 -6.86 -11.00
CA THR B 101 3.99 -6.65 -11.30
C THR B 101 3.15 -7.82 -10.79
N LYS B 102 1.88 -7.53 -10.54
CA LYS B 102 0.96 -8.58 -10.10
C LYS B 102 0.87 -9.70 -11.13
N ASN B 103 0.86 -9.34 -12.42
CA ASN B 103 0.86 -10.36 -13.46
C ASN B 103 2.09 -11.25 -13.37
N ASP B 104 3.24 -10.67 -13.04
CA ASP B 104 4.45 -11.47 -12.87
C ASP B 104 4.28 -12.45 -11.70
N VAL B 105 3.66 -12.00 -10.62
CA VAL B 105 3.42 -12.88 -9.47
C VAL B 105 2.44 -13.98 -9.86
N LEU B 106 1.35 -13.61 -10.51
CA LEU B 106 0.34 -14.59 -10.93
C LEU B 106 0.92 -15.58 -11.94
N ASP B 107 1.79 -15.12 -12.84
CA ASP B 107 2.30 -15.98 -13.90
C ASP B 107 3.39 -16.92 -13.40
N TYR B 108 4.25 -16.44 -12.50
CA TYR B 108 5.49 -17.15 -12.18
C TYR B 108 5.42 -17.95 -10.88
N SER B 109 4.78 -17.43 -9.84
CA SER B 109 4.47 -18.24 -8.67
C SER B 109 3.27 -17.64 -7.93
N PRO B 110 2.06 -18.11 -8.24
CA PRO B 110 0.86 -17.55 -7.60
C PRO B 110 0.78 -17.77 -6.10
N ASN B 111 1.40 -18.84 -5.59
CA ASN B 111 1.31 -19.14 -4.17
C ASN B 111 2.05 -18.15 -3.30
N LEU B 112 2.90 -17.30 -3.88
CA LEU B 112 3.62 -16.27 -3.13
C LEU B 112 2.73 -15.12 -2.68
N ALA B 113 1.55 -14.97 -3.26
CA ALA B 113 0.79 -13.72 -3.13
C ALA B 113 0.52 -13.36 -1.67
N ASP B 114 0.14 -14.34 -0.85
CA ASP B 114 -0.15 -14.05 0.54
C ASP B 114 1.01 -14.43 1.46
N LYS B 115 2.20 -14.68 0.91
CA LYS B 115 3.40 -14.94 1.68
C LYS B 115 4.26 -13.70 1.88
N VAL B 116 4.08 -12.68 1.04
CA VAL B 116 4.96 -11.51 1.03
C VAL B 116 4.15 -10.28 1.40
N ALA B 117 4.63 -9.50 2.35
CA ALA B 117 3.96 -8.29 2.81
C ALA B 117 4.67 -7.01 2.41
N LEU B 118 6.00 -6.96 2.53
CA LEU B 118 6.71 -5.73 2.24
C LEU B 118 6.74 -5.47 0.73
N ASN B 119 6.71 -4.19 0.35
CA ASN B 119 6.61 -3.79 -1.04
C ASN B 119 7.25 -2.41 -1.16
N THR B 120 8.34 -2.31 -1.93
CA THR B 120 9.09 -1.05 -1.97
C THR B 120 8.36 0.07 -2.71
N SER B 121 7.31 -0.23 -3.47
CA SER B 121 6.50 0.84 -4.01
C SER B 121 5.52 1.40 -2.98
N VAL B 122 5.34 0.68 -1.88
CA VAL B 122 4.45 1.11 -0.81
C VAL B 122 5.21 1.42 0.48
N ASN B 123 6.31 0.72 0.75
CA ASN B 123 7.07 0.89 1.97
C ASN B 123 8.40 1.58 1.66
N SER B 124 8.82 2.47 2.54
CA SER B 124 10.11 3.12 2.36
C SER B 124 11.24 2.17 2.72
N ILE B 125 12.44 2.49 2.26
CA ILE B 125 13.61 1.72 2.64
C ILE B 125 13.81 1.76 4.15
N GLU B 126 13.54 2.90 4.76
CA GLU B 126 13.72 3.05 6.21
C GLU B 126 12.74 2.18 6.98
N GLU B 127 11.48 2.11 6.54
CA GLU B 127 10.51 1.23 7.19
C GLU B 127 10.93 -0.23 7.07
N ILE B 128 11.40 -0.63 5.89
CA ILE B 128 11.84 -2.02 5.70
C ILE B 128 13.06 -2.31 6.57
N ALA B 129 13.98 -1.36 6.65
CA ALA B 129 15.19 -1.54 7.45
C ALA B 129 14.85 -1.69 8.94
N HIS B 130 13.87 -0.94 9.42
CA HIS B 130 13.50 -1.05 10.83
C HIS B 130 12.90 -2.43 11.15
N GLN B 131 12.08 -2.97 10.24
CA GLN B 131 11.50 -4.28 10.47
C GLN B 131 12.58 -5.34 10.61
N LEU B 132 13.56 -5.32 9.70
CA LEU B 132 14.69 -6.24 9.81
C LEU B 132 15.49 -5.97 11.07
N ALA B 133 15.74 -4.69 11.38
CA ALA B 133 16.51 -4.35 12.56
C ALA B 133 15.79 -4.77 13.84
N ASP B 134 14.47 -4.59 13.89
CA ASP B 134 13.72 -4.98 15.08
C ASP B 134 13.83 -6.48 15.35
N VAL B 135 13.90 -7.28 14.30
CA VAL B 135 14.02 -8.73 14.48
C VAL B 135 15.43 -9.12 14.84
N ILE B 136 16.42 -8.47 14.22
CA ILE B 136 17.81 -8.91 14.36
C ILE B 136 18.40 -8.44 15.68
N LEU B 137 18.16 -7.17 16.04
CA LEU B 137 18.81 -6.61 17.22
C LEU B 137 17.91 -6.72 18.45
N SER C 1 -13.79 15.61 -25.88
CA SER C 1 -13.96 17.02 -26.23
C SER C 1 -13.62 17.26 -27.70
N ASN C 2 -12.31 17.30 -28.00
CA ASN C 2 -11.82 17.50 -29.38
C ASN C 2 -10.57 16.64 -29.54
N ALA C 3 -10.77 15.33 -29.75
CA ALA C 3 -9.68 14.39 -29.59
C ALA C 3 -9.91 13.14 -30.42
N GLU C 4 -8.89 12.73 -31.18
CA GLU C 4 -8.97 11.50 -31.94
C GLU C 4 -8.88 10.27 -31.04
N TYR C 5 -8.17 10.39 -29.92
CA TYR C 5 -7.86 9.26 -29.06
C TYR C 5 -8.46 9.48 -27.68
N ASP C 6 -8.78 8.37 -27.01
CA ASP C 6 -9.24 8.47 -25.63
C ASP C 6 -8.09 8.72 -24.66
N LEU C 7 -6.97 8.04 -24.86
CA LEU C 7 -5.89 8.04 -23.88
C LEU C 7 -4.55 7.88 -24.60
N PHE C 8 -3.55 8.65 -24.16
CA PHE C 8 -2.18 8.42 -24.56
C PHE C 8 -1.34 8.09 -23.33
N ILE C 9 -0.35 7.24 -23.52
CA ILE C 9 0.46 6.69 -22.42
C ILE C 9 1.92 7.03 -22.68
N SER C 10 2.45 8.00 -21.94
CA SER C 10 3.87 8.30 -21.96
C SER C 10 4.61 7.30 -21.07
N HIS C 11 5.80 6.89 -21.50
CA HIS C 11 6.46 5.76 -20.87
C HIS C 11 7.94 5.74 -21.23
N ALA C 12 8.69 4.98 -20.45
CA ALA C 12 10.08 4.66 -20.77
C ALA C 12 10.15 3.43 -21.66
N SER C 13 11.23 3.33 -22.44
CA SER C 13 11.38 2.22 -23.38
C SER C 13 11.49 0.88 -22.67
N GLU C 14 12.08 0.86 -21.47
CA GLU C 14 12.21 -0.39 -20.72
C GLU C 14 10.87 -1.02 -20.41
N ASP C 15 9.80 -0.24 -20.35
CA ASP C 15 8.47 -0.71 -20.01
C ASP C 15 7.55 -0.81 -21.22
N LYS C 16 8.04 -0.54 -22.42
CA LYS C 16 7.16 -0.43 -23.58
C LYS C 16 6.57 -1.78 -23.98
N GLU C 17 7.42 -2.77 -24.23
CA GLU C 17 6.93 -4.03 -24.79
C GLU C 17 6.30 -4.92 -23.73
N ASP C 18 6.82 -4.92 -22.51
CA ASP C 18 6.36 -5.85 -21.49
C ASP C 18 5.30 -5.27 -20.57
N PHE C 19 4.94 -3.99 -20.73
CA PHE C 19 3.82 -3.46 -19.96
C PHE C 19 2.90 -2.56 -20.79
N VAL C 20 3.46 -1.53 -21.42
CA VAL C 20 2.61 -0.56 -22.13
C VAL C 20 1.86 -1.23 -23.27
N ARG C 21 2.54 -2.08 -24.05
CA ARG C 21 1.86 -2.78 -25.13
C ARG C 21 0.75 -3.70 -24.62
N PRO C 22 0.97 -4.60 -23.65
CA PRO C 22 -0.16 -5.39 -23.16
C PRO C 22 -1.29 -4.56 -22.56
N LEU C 23 -0.96 -3.51 -21.80
CA LEU C 23 -2.00 -2.65 -21.22
C LEU C 23 -2.79 -1.95 -22.32
N ALA C 24 -2.11 -1.45 -23.35
CA ALA C 24 -2.80 -0.80 -24.45
C ALA C 24 -3.73 -1.77 -25.16
N GLU C 25 -3.26 -3.01 -25.39
CA GLU C 25 -4.11 -4.01 -26.02
C GLU C 25 -5.31 -4.33 -25.16
N THR C 26 -5.12 -4.42 -23.83
CA THR C 26 -6.24 -4.66 -22.93
C THR C 26 -7.22 -3.50 -22.95
N LEU C 27 -6.71 -2.26 -22.95
CA LEU C 27 -7.58 -1.09 -22.99
C LEU C 27 -8.42 -1.06 -24.26
N GLN C 28 -7.81 -1.37 -25.41
CA GLN C 28 -8.58 -1.35 -26.66
C GLN C 28 -9.64 -2.44 -26.68
N GLN C 29 -9.37 -3.57 -26.03
CA GLN C 29 -10.40 -4.59 -25.89
C GLN C 29 -11.60 -4.06 -25.10
N LEU C 30 -11.36 -3.16 -24.15
CA LEU C 30 -12.42 -2.53 -23.36
C LEU C 30 -13.08 -1.36 -24.07
N GLY C 31 -12.60 -0.98 -25.24
CA GLY C 31 -13.16 0.12 -25.99
C GLY C 31 -12.41 1.44 -25.85
N VAL C 32 -11.30 1.45 -25.14
CA VAL C 32 -10.50 2.67 -24.98
C VAL C 32 -9.59 2.77 -26.20
N ASN C 33 -9.67 3.89 -26.91
CA ASN C 33 -8.83 4.13 -28.08
C ASN C 33 -7.53 4.76 -27.60
N VAL C 34 -6.46 3.97 -27.58
CA VAL C 34 -5.21 4.36 -26.95
C VAL C 34 -4.09 4.35 -27.99
N TRP C 35 -3.15 5.28 -27.82
CA TRP C 35 -1.90 5.31 -28.57
C TRP C 35 -0.75 5.59 -27.61
N TYR C 36 0.45 5.12 -28.01
CA TYR C 36 1.59 5.19 -27.10
C TYR C 36 2.94 5.15 -27.83
N ASP C 37 2.95 4.70 -29.09
CA ASP C 37 4.22 4.42 -29.76
C ASP C 37 5.13 5.64 -29.81
N GLU C 38 4.55 6.83 -30.00
CA GLU C 38 5.32 8.06 -30.13
C GLU C 38 5.61 8.73 -28.80
N PHE C 39 5.14 8.17 -27.68
CA PHE C 39 5.28 8.80 -26.38
C PHE C 39 6.30 8.09 -25.50
N THR C 40 7.18 7.30 -26.12
CA THR C 40 8.33 6.81 -25.41
C THR C 40 9.23 8.00 -25.10
N LEU C 41 9.56 8.17 -23.82
CA LEU C 41 10.42 9.27 -23.42
C LEU C 41 11.87 8.78 -23.54
N LYS C 42 12.64 9.39 -24.42
CA LYS C 42 14.03 9.00 -24.58
C LYS C 42 14.90 9.97 -23.80
N VAL C 43 16.15 9.55 -23.57
CA VAL C 43 17.07 10.37 -22.79
C VAL C 43 17.22 11.71 -23.49
N GLY C 44 17.07 12.78 -22.71
CA GLY C 44 17.12 14.12 -23.26
C GLY C 44 15.87 14.59 -23.95
N ASP C 45 14.80 13.81 -23.97
CA ASP C 45 13.54 14.29 -24.50
C ASP C 45 12.84 15.20 -23.49
N SER C 46 12.05 16.14 -24.02
CA SER C 46 11.18 16.97 -23.21
C SER C 46 9.86 16.24 -22.97
N LEU C 47 9.57 15.95 -21.69
CA LEU C 47 8.27 15.38 -21.37
C LEU C 47 7.16 16.39 -21.63
N ARG C 48 7.44 17.66 -21.38
CA ARG C 48 6.49 18.73 -21.64
C ARG C 48 5.99 18.69 -23.08
N GLN C 49 6.91 18.59 -24.04
CA GLN C 49 6.52 18.54 -25.44
C GLN C 49 5.69 17.30 -25.75
N LYS C 50 6.12 16.14 -25.24
CA LYS C 50 5.38 14.90 -25.47
C LYS C 50 3.96 14.98 -24.94
N ILE C 51 3.78 15.53 -23.73
CA ILE C 51 2.46 15.57 -23.11
C ILE C 51 1.55 16.56 -23.83
N ASP C 52 2.06 17.75 -24.15
CA ASP C 52 1.25 18.70 -24.89
C ASP C 52 0.80 18.13 -26.22
N SER C 53 1.69 17.42 -26.92
CA SER C 53 1.32 16.77 -28.17
C SER C 53 0.19 15.77 -27.97
N GLY C 54 0.29 14.94 -26.93
CA GLY C 54 -0.76 13.98 -26.65
C GLY C 54 -2.09 14.66 -26.36
N LEU C 55 -2.06 15.73 -25.57
CA LEU C 55 -3.29 16.39 -25.14
C LEU C 55 -4.02 17.07 -26.29
N ARG C 56 -3.35 17.31 -27.43
CA ARG C 56 -4.01 17.95 -28.56
C ARG C 56 -4.99 17.02 -29.26
N ASN C 57 -4.72 15.70 -29.27
CA ASN C 57 -5.59 14.74 -29.94
C ASN C 57 -6.06 13.63 -29.00
N SER C 58 -5.94 13.79 -27.69
CA SER C 58 -6.40 12.77 -26.76
C SER C 58 -7.19 13.42 -25.64
N LYS C 59 -8.28 12.76 -25.24
CA LYS C 59 -9.08 13.27 -24.13
C LYS C 59 -8.29 13.21 -22.82
N TYR C 60 -7.50 12.16 -22.64
CA TYR C 60 -6.77 11.97 -21.41
C TYR C 60 -5.36 11.47 -21.70
N GLY C 61 -4.49 11.65 -20.72
CA GLY C 61 -3.17 11.07 -20.78
C GLY C 61 -2.76 10.58 -19.41
N THR C 62 -1.82 9.63 -19.41
CA THR C 62 -1.21 9.13 -18.18
C THR C 62 0.25 8.83 -18.47
N VAL C 63 0.99 8.59 -17.40
CA VAL C 63 2.42 8.29 -17.47
C VAL C 63 2.67 7.00 -16.71
N VAL C 64 3.51 6.14 -17.27
CA VAL C 64 3.93 4.93 -16.58
C VAL C 64 5.15 5.33 -15.75
N LEU C 65 4.93 5.56 -14.45
CA LEU C 65 5.94 6.15 -13.58
C LEU C 65 6.83 5.02 -13.05
N SER C 66 7.90 4.75 -13.78
CA SER C 66 8.90 3.79 -13.38
C SER C 66 10.17 4.51 -12.97
N THR C 67 11.07 3.78 -12.30
CA THR C 67 12.39 4.33 -12.02
C THR C 67 13.11 4.72 -13.31
N ASP C 68 13.03 3.87 -14.33
CA ASP C 68 13.64 4.21 -15.62
C ASP C 68 13.02 5.46 -16.20
N PHE C 69 11.69 5.58 -16.15
CA PHE C 69 11.02 6.76 -16.68
C PHE C 69 11.47 8.02 -15.94
N ILE C 70 11.49 7.97 -14.60
CA ILE C 70 11.75 9.16 -13.83
C ILE C 70 13.23 9.55 -13.86
N LYS C 71 14.13 8.61 -14.11
CA LYS C 71 15.53 8.98 -14.23
C LYS C 71 15.88 9.46 -15.64
N LYS C 72 15.01 9.23 -16.62
CA LYS C 72 15.19 9.82 -17.94
C LYS C 72 14.64 11.24 -18.00
N ASP C 73 13.98 11.67 -16.92
CA ASP C 73 13.37 12.98 -16.79
C ASP C 73 13.79 13.62 -15.46
N TRP C 74 14.96 13.22 -14.95
CA TRP C 74 15.31 13.57 -13.57
C TRP C 74 15.68 15.04 -13.44
N THR C 75 16.49 15.56 -14.36
CA THR C 75 16.95 16.93 -14.24
C THR C 75 15.80 17.93 -14.37
N ASN C 76 14.80 17.61 -15.19
CA ASN C 76 13.62 18.45 -15.28
C ASN C 76 12.74 18.25 -14.05
N TYR C 77 12.35 19.36 -13.41
CA TYR C 77 11.51 19.32 -12.22
C TYR C 77 10.03 19.38 -12.55
N GLU C 78 9.65 19.28 -13.83
CA GLU C 78 8.29 19.56 -14.25
C GLU C 78 7.31 18.42 -13.95
N LEU C 79 7.78 17.27 -13.47
CA LEU C 79 7.00 16.05 -13.62
C LEU C 79 5.78 16.00 -12.71
N ASP C 80 5.91 16.48 -11.46
CA ASP C 80 4.74 16.41 -10.57
C ASP C 80 3.64 17.36 -11.03
N GLY C 81 4.01 18.42 -11.77
CA GLY C 81 3.03 19.25 -12.42
C GLY C 81 2.50 18.65 -13.71
N LEU C 82 3.34 17.89 -14.41
CA LEU C 82 2.95 17.36 -15.72
C LEU C 82 1.97 16.20 -15.60
N VAL C 83 2.07 15.40 -14.52
CA VAL C 83 1.17 14.25 -14.39
C VAL C 83 -0.26 14.66 -14.07
N ALA C 84 -0.46 15.93 -13.70
CA ALA C 84 -1.81 16.47 -13.48
C ALA C 84 -2.12 17.63 -14.41
N ARG C 85 -1.33 17.78 -15.48
CA ARG C 85 -1.49 18.92 -16.38
C ARG C 85 -2.84 18.85 -17.06
N GLU C 86 -3.45 20.01 -17.25
CA GLU C 86 -4.71 20.13 -17.96
C GLU C 86 -4.57 21.15 -19.08
N MET C 87 -5.24 20.90 -20.20
CA MET C 87 -5.03 21.75 -21.37
C MET C 87 -6.20 21.61 -22.32
N ASN C 88 -6.88 22.72 -22.61
CA ASN C 88 -8.03 22.73 -23.53
C ASN C 88 -9.07 21.66 -23.19
N GLY C 89 -9.27 21.44 -21.90
CA GLY C 89 -10.22 20.47 -21.39
C GLY C 89 -9.77 19.02 -21.41
N HIS C 90 -8.57 18.73 -21.91
CA HIS C 90 -8.02 17.39 -21.87
C HIS C 90 -7.04 17.29 -20.71
N LYS C 91 -7.05 16.14 -20.03
CA LYS C 91 -6.46 16.04 -18.70
C LYS C 91 -5.50 14.87 -18.56
N MET C 92 -4.33 15.14 -17.99
CA MET C 92 -3.48 14.09 -17.45
C MET C 92 -4.10 13.52 -16.20
N ILE C 93 -4.21 12.18 -16.12
CA ILE C 93 -4.89 11.53 -15.01
C ILE C 93 -4.07 10.32 -14.54
N LEU C 94 -4.32 9.94 -13.28
CA LEU C 94 -3.95 8.64 -12.70
C LEU C 94 -2.58 8.15 -13.15
N PRO C 95 -1.49 8.78 -12.73
CA PRO C 95 -0.17 8.23 -13.06
C PRO C 95 -0.06 6.81 -12.52
N ILE C 96 0.76 6.01 -13.17
CA ILE C 96 0.82 4.59 -12.90
C ILE C 96 2.21 4.30 -12.35
N TRP C 97 2.27 4.01 -11.05
CA TRP C 97 3.49 3.49 -10.46
C TRP C 97 3.72 2.08 -10.99
N HIS C 98 4.92 1.84 -11.50
CA HIS C 98 5.25 0.59 -12.15
C HIS C 98 6.74 0.39 -12.05
N LYS C 99 7.17 -0.61 -11.28
CA LYS C 99 8.58 -0.93 -11.08
C LYS C 99 9.34 0.32 -10.62
N ILE C 100 8.86 0.88 -9.51
CA ILE C 100 9.42 2.07 -8.90
C ILE C 100 9.31 1.91 -7.40
N THR C 101 10.16 2.63 -6.67
CA THR C 101 10.12 2.61 -5.21
C THR C 101 9.55 3.92 -4.69
N LYS C 102 8.97 3.86 -3.49
CA LYS C 102 8.48 5.08 -2.86
C LYS C 102 9.61 6.08 -2.67
N ASN C 103 10.79 5.59 -2.28
CA ASN C 103 11.95 6.45 -2.11
C ASN C 103 12.33 7.15 -3.39
N ASP C 104 12.20 6.47 -4.54
CA ASP C 104 12.52 7.11 -5.82
C ASP C 104 11.59 8.29 -6.09
N VAL C 105 10.29 8.12 -5.79
CA VAL C 105 9.34 9.20 -6.00
C VAL C 105 9.62 10.35 -5.04
N LEU C 106 9.84 10.03 -3.76
CA LEU C 106 10.18 11.07 -2.79
C LEU C 106 11.42 11.84 -3.20
N ASP C 107 12.45 11.12 -3.65
CA ASP C 107 13.71 11.77 -4.01
C ASP C 107 13.56 12.69 -5.21
N TYR C 108 12.62 12.40 -6.11
CA TYR C 108 12.31 13.36 -7.17
C TYR C 108 11.53 14.53 -6.60
N SER C 109 10.37 14.24 -6.00
CA SER C 109 9.51 15.27 -5.46
C SER C 109 8.58 14.71 -4.41
N PRO C 110 8.60 15.23 -3.18
CA PRO C 110 7.66 14.72 -2.18
C PRO C 110 6.21 14.97 -2.59
N ASN C 111 5.98 16.00 -3.40
CA ASN C 111 4.63 16.31 -3.85
C ASN C 111 4.12 15.32 -4.89
N LEU C 112 5.01 14.56 -5.52
CA LEU C 112 4.53 13.52 -6.44
C LEU C 112 4.05 12.30 -5.68
N ALA C 113 4.59 12.09 -4.47
CA ALA C 113 4.34 10.85 -3.75
C ALA C 113 2.87 10.71 -3.37
N ASP C 114 2.23 11.83 -3.03
CA ASP C 114 0.87 11.85 -2.52
C ASP C 114 -0.20 12.19 -3.55
N LYS C 115 0.09 12.05 -4.83
CA LYS C 115 -0.96 12.19 -5.85
C LYS C 115 -1.59 10.83 -6.12
N VAL C 116 -2.90 10.84 -6.38
CA VAL C 116 -3.63 9.61 -6.64
C VAL C 116 -2.98 8.88 -7.81
N ALA C 117 -2.70 7.60 -7.61
CA ALA C 117 -1.93 6.86 -8.59
C ALA C 117 -2.28 5.38 -8.53
N LEU C 118 -2.10 4.71 -9.66
CA LEU C 118 -2.23 3.27 -9.82
C LEU C 118 -0.89 2.61 -9.50
N ASN C 119 -0.94 1.32 -9.21
CA ASN C 119 0.25 0.58 -8.77
C ASN C 119 0.17 -0.82 -9.36
N THR C 120 1.08 -1.12 -10.29
CA THR C 120 1.09 -2.37 -11.03
C THR C 120 1.59 -3.55 -10.20
N SER C 121 2.23 -3.29 -9.06
CA SER C 121 2.62 -4.35 -8.15
C SER C 121 1.46 -4.86 -7.31
N VAL C 122 0.34 -4.15 -7.32
CA VAL C 122 -0.83 -4.54 -6.54
C VAL C 122 -1.97 -4.98 -7.45
N ASN C 123 -2.11 -4.35 -8.61
CA ASN C 123 -3.16 -4.66 -9.56
C ASN C 123 -2.61 -5.21 -10.87
N SER C 124 -3.35 -6.15 -11.45
CA SER C 124 -3.01 -6.73 -12.74
C SER C 124 -3.30 -5.73 -13.87
N ILE C 125 -2.77 -6.05 -15.05
CA ILE C 125 -3.00 -5.22 -16.23
C ILE C 125 -4.49 -5.09 -16.52
N GLU C 126 -5.25 -6.17 -16.32
CA GLU C 126 -6.69 -6.12 -16.54
C GLU C 126 -7.36 -5.17 -15.56
N GLU C 127 -6.97 -5.25 -14.29
CA GLU C 127 -7.52 -4.35 -13.28
C GLU C 127 -7.16 -2.90 -13.58
N ILE C 128 -5.91 -2.64 -13.99
CA ILE C 128 -5.46 -1.29 -14.29
C ILE C 128 -6.24 -0.72 -15.47
N ALA C 129 -6.48 -1.54 -16.50
CA ALA C 129 -7.25 -1.06 -17.64
C ALA C 129 -8.66 -0.68 -17.23
N HIS C 130 -9.27 -1.48 -16.34
CA HIS C 130 -10.59 -1.15 -15.83
C HIS C 130 -10.55 0.11 -14.98
N GLN C 131 -9.49 0.27 -14.18
CA GLN C 131 -9.33 1.48 -13.37
C GLN C 131 -9.21 2.71 -14.25
N LEU C 132 -8.46 2.62 -15.35
CA LEU C 132 -8.39 3.71 -16.30
C LEU C 132 -9.72 3.92 -17.02
N ALA C 133 -10.38 2.83 -17.40
CA ALA C 133 -11.65 2.92 -18.14
C ALA C 133 -12.73 3.61 -17.31
N ASP C 134 -12.76 3.34 -16.00
CA ASP C 134 -13.76 3.97 -15.15
C ASP C 134 -13.66 5.49 -15.19
N VAL C 135 -12.46 6.04 -15.36
CA VAL C 135 -12.32 7.48 -15.50
C VAL C 135 -12.63 7.92 -16.93
N ILE C 136 -12.18 7.16 -17.93
CA ILE C 136 -12.23 7.62 -19.32
C ILE C 136 -13.62 7.41 -19.92
N LEU C 137 -14.21 6.23 -19.74
CA LEU C 137 -15.46 5.91 -20.42
C LEU C 137 -16.69 6.16 -19.55
N SER D 1 -24.13 18.88 -14.66
CA SER D 1 -22.77 19.29 -14.33
C SER D 1 -22.71 20.78 -13.99
N ASN D 2 -23.84 21.47 -14.21
CA ASN D 2 -24.12 22.73 -13.53
C ASN D 2 -24.59 22.52 -12.09
N ALA D 3 -24.21 21.40 -11.46
CA ALA D 3 -24.75 21.02 -10.16
C ALA D 3 -24.38 22.02 -9.06
N GLU D 4 -25.21 22.04 -8.02
CA GLU D 4 -24.99 22.98 -6.91
C GLU D 4 -23.69 22.70 -6.16
N TYR D 5 -23.27 21.43 -6.10
CA TYR D 5 -22.11 21.02 -5.33
C TYR D 5 -21.12 20.28 -6.22
N ASP D 6 -19.84 20.38 -5.86
CA ASP D 6 -18.81 19.60 -6.53
C ASP D 6 -18.73 18.18 -6.01
N LEU D 7 -19.08 17.96 -4.75
CA LEU D 7 -18.85 16.66 -4.12
C LEU D 7 -19.75 16.51 -2.91
N PHE D 8 -20.31 15.32 -2.75
CA PHE D 8 -20.96 14.93 -1.50
C PHE D 8 -20.23 13.71 -0.93
N ILE D 9 -20.18 13.64 0.40
CA ILE D 9 -19.41 12.63 1.10
C ILE D 9 -20.40 11.80 1.94
N SER D 10 -20.76 10.63 1.44
CA SER D 10 -21.56 9.69 2.22
C SER D 10 -20.68 8.93 3.20
N HIS D 11 -21.25 8.59 4.34
CA HIS D 11 -20.43 8.11 5.45
C HIS D 11 -21.33 7.50 6.51
N ALA D 12 -20.69 6.80 7.45
CA ALA D 12 -21.34 6.36 8.67
C ALA D 12 -21.23 7.44 9.74
N SER D 13 -22.19 7.43 10.66
CA SER D 13 -22.19 8.44 11.73
C SER D 13 -20.91 8.37 12.56
N GLU D 14 -20.31 7.19 12.68
CA GLU D 14 -19.11 7.05 13.50
C GLU D 14 -17.96 7.91 13.01
N ASP D 15 -17.90 8.19 11.71
CA ASP D 15 -16.79 8.93 11.11
C ASP D 15 -17.14 10.37 10.79
N LYS D 16 -18.31 10.84 11.21
CA LYS D 16 -18.77 12.16 10.80
C LYS D 16 -17.97 13.27 11.47
N GLU D 17 -17.88 13.25 12.80
CA GLU D 17 -17.28 14.37 13.52
C GLU D 17 -15.76 14.39 13.42
N ASP D 18 -15.11 13.23 13.44
CA ASP D 18 -13.66 13.19 13.50
C ASP D 18 -12.99 12.96 12.15
N PHE D 19 -13.76 12.82 11.07
CA PHE D 19 -13.13 12.77 9.75
C PHE D 19 -13.89 13.54 8.68
N VAL D 20 -15.19 13.24 8.52
CA VAL D 20 -15.94 13.82 7.40
C VAL D 20 -16.01 15.34 7.55
N ARG D 21 -16.35 15.81 8.75
CA ARG D 21 -16.46 17.26 8.96
C ARG D 21 -15.13 17.97 8.79
N PRO D 22 -14.02 17.53 9.39
CA PRO D 22 -12.74 18.21 9.09
C PRO D 22 -12.30 18.06 7.65
N LEU D 23 -12.61 16.94 6.99
CA LEU D 23 -12.30 16.81 5.57
C LEU D 23 -13.13 17.79 4.74
N ALA D 24 -14.42 17.89 5.04
CA ALA D 24 -15.27 18.83 4.32
C ALA D 24 -14.79 20.26 4.51
N GLU D 25 -14.43 20.62 5.75
CA GLU D 25 -13.91 21.96 6.01
C GLU D 25 -12.62 22.21 5.24
N THR D 26 -11.74 21.20 5.18
CA THR D 26 -10.49 21.36 4.44
C THR D 26 -10.74 21.47 2.95
N LEU D 27 -11.66 20.66 2.42
CA LEU D 27 -12.03 20.78 1.01
C LEU D 27 -12.61 22.15 0.70
N GLN D 28 -13.38 22.71 1.64
CA GLN D 28 -13.94 24.05 1.45
C GLN D 28 -12.83 25.09 1.33
N GLN D 29 -11.83 25.02 2.21
CA GLN D 29 -10.67 25.91 2.10
C GLN D 29 -10.01 25.81 0.73
N LEU D 30 -10.00 24.61 0.15
CA LEU D 30 -9.42 24.41 -1.17
C LEU D 30 -10.34 24.86 -2.31
N GLY D 31 -11.50 25.43 -1.99
CA GLY D 31 -12.39 25.91 -3.03
C GLY D 31 -13.26 24.86 -3.67
N VAL D 32 -13.45 23.72 -3.02
CA VAL D 32 -14.32 22.66 -3.52
C VAL D 32 -15.66 22.76 -2.80
N ASN D 33 -16.75 22.76 -3.56
CA ASN D 33 -18.09 22.87 -2.99
C ASN D 33 -18.55 21.49 -2.55
N VAL D 34 -18.52 21.25 -1.24
CA VAL D 34 -18.77 19.93 -0.66
C VAL D 34 -19.90 20.04 0.36
N TRP D 35 -20.74 19.01 0.41
CA TRP D 35 -21.70 18.84 1.48
C TRP D 35 -21.75 17.38 1.88
N TYR D 36 -22.30 17.11 3.07
CA TYR D 36 -22.20 15.79 3.68
C TYR D 36 -23.28 15.57 4.72
N ASP D 37 -23.83 16.67 5.26
CA ASP D 37 -24.74 16.59 6.40
C ASP D 37 -25.92 15.66 6.13
N GLU D 38 -26.42 15.66 4.90
CA GLU D 38 -27.60 14.88 4.53
C GLU D 38 -27.26 13.45 4.12
N PHE D 39 -25.99 13.04 4.20
CA PHE D 39 -25.57 11.75 3.68
C PHE D 39 -24.90 10.89 4.74
N THR D 40 -25.30 11.08 5.99
CA THR D 40 -24.98 10.11 7.03
C THR D 40 -25.81 8.85 6.79
N LEU D 41 -25.14 7.71 6.76
CA LEU D 41 -25.80 6.43 6.50
C LEU D 41 -25.95 5.68 7.82
N LYS D 42 -27.20 5.42 8.19
CA LYS D 42 -27.55 4.75 9.44
C LYS D 42 -28.13 3.37 9.13
N VAL D 43 -28.10 2.50 10.14
CA VAL D 43 -28.61 1.15 9.94
C VAL D 43 -30.07 1.22 9.53
N GLY D 44 -30.39 0.57 8.41
CA GLY D 44 -31.73 0.59 7.86
C GLY D 44 -31.94 1.61 6.75
N ASP D 45 -31.02 2.56 6.58
CA ASP D 45 -31.14 3.54 5.51
C ASP D 45 -31.08 2.87 4.15
N SER D 46 -31.63 3.54 3.15
CA SER D 46 -31.48 3.13 1.76
C SER D 46 -30.20 3.75 1.21
N LEU D 47 -29.24 2.90 0.86
CA LEU D 47 -27.97 3.39 0.34
C LEU D 47 -28.14 3.99 -1.06
N ARG D 48 -28.97 3.36 -1.89
CA ARG D 48 -29.17 3.87 -3.25
C ARG D 48 -29.88 5.21 -3.25
N GLN D 49 -30.82 5.41 -2.32
CA GLN D 49 -31.52 6.69 -2.26
C GLN D 49 -30.57 7.82 -1.87
N LYS D 50 -29.67 7.55 -0.92
CA LYS D 50 -28.72 8.57 -0.51
C LYS D 50 -27.73 8.89 -1.62
N ILE D 51 -27.27 7.87 -2.36
CA ILE D 51 -26.35 8.10 -3.47
C ILE D 51 -27.06 8.84 -4.59
N ASP D 52 -28.28 8.41 -4.93
CA ASP D 52 -29.05 9.08 -5.97
C ASP D 52 -29.30 10.54 -5.62
N SER D 53 -29.73 10.81 -4.38
CA SER D 53 -30.02 12.19 -3.98
C SER D 53 -28.76 13.04 -3.99
N GLY D 54 -27.62 12.47 -3.58
CA GLY D 54 -26.37 13.20 -3.67
C GLY D 54 -25.95 13.44 -5.11
N LEU D 55 -26.07 12.40 -5.94
CA LEU D 55 -25.58 12.51 -7.32
C LEU D 55 -26.46 13.40 -8.19
N ARG D 56 -27.71 13.64 -7.79
CA ARG D 56 -28.56 14.49 -8.60
C ARG D 56 -28.21 15.97 -8.46
N ASN D 57 -27.53 16.35 -7.39
CA ASN D 57 -27.13 17.74 -7.18
C ASN D 57 -25.63 17.91 -7.00
N SER D 58 -24.84 16.88 -7.31
CA SER D 58 -23.39 16.95 -7.16
C SER D 58 -22.73 16.36 -8.38
N LYS D 59 -21.64 16.99 -8.82
CA LYS D 59 -20.86 16.44 -9.92
C LYS D 59 -20.27 15.08 -9.56
N TYR D 60 -19.71 14.97 -8.35
CA TYR D 60 -19.10 13.74 -7.89
C TYR D 60 -19.61 13.39 -6.50
N GLY D 61 -19.44 12.11 -6.15
CA GLY D 61 -19.70 11.66 -4.80
C GLY D 61 -18.62 10.70 -4.37
N THR D 62 -18.55 10.48 -3.05
CA THR D 62 -17.62 9.53 -2.49
C THR D 62 -18.23 8.94 -1.23
N VAL D 63 -17.62 7.86 -0.75
CA VAL D 63 -18.04 7.20 0.47
C VAL D 63 -16.82 7.00 1.35
N VAL D 64 -17.00 7.21 2.65
CA VAL D 64 -15.97 6.91 3.64
C VAL D 64 -16.15 5.43 3.99
N LEU D 65 -15.33 4.58 3.37
CA LEU D 65 -15.48 3.12 3.46
C LEU D 65 -14.76 2.64 4.71
N SER D 66 -15.49 2.58 5.82
CA SER D 66 -14.97 2.13 7.10
C SER D 66 -15.62 0.82 7.50
N THR D 67 -14.96 0.12 8.44
CA THR D 67 -15.54 -1.10 8.98
C THR D 67 -16.87 -0.82 9.66
N ASP D 68 -16.94 0.27 10.43
CA ASP D 68 -18.20 0.68 11.05
C ASP D 68 -19.29 0.88 10.01
N PHE D 69 -18.94 1.49 8.87
CA PHE D 69 -19.94 1.69 7.81
C PHE D 69 -20.33 0.38 7.17
N ILE D 70 -19.34 -0.41 6.74
CA ILE D 70 -19.60 -1.57 5.90
C ILE D 70 -20.31 -2.68 6.66
N LYS D 71 -20.25 -2.68 7.99
CA LYS D 71 -20.89 -3.71 8.81
C LYS D 71 -22.28 -3.31 9.28
N LYS D 72 -22.86 -2.23 8.76
CA LYS D 72 -24.21 -1.84 9.14
C LYS D 72 -25.28 -2.66 8.41
N ASP D 73 -25.04 -3.97 8.29
CA ASP D 73 -26.01 -4.92 7.77
C ASP D 73 -26.50 -4.54 6.37
N TRP D 74 -25.58 -4.14 5.51
CA TRP D 74 -25.90 -3.88 4.12
C TRP D 74 -25.91 -5.18 3.34
N THR D 75 -26.73 -5.22 2.28
CA THR D 75 -26.69 -6.32 1.34
C THR D 75 -25.69 -6.01 0.24
N ASN D 76 -25.23 -7.08 -0.43
CA ASN D 76 -24.33 -6.87 -1.57
C ASN D 76 -25.00 -6.06 -2.68
N TYR D 77 -26.32 -6.20 -2.83
CA TYR D 77 -27.03 -5.39 -3.82
C TYR D 77 -27.10 -3.93 -3.37
N GLU D 78 -27.25 -3.70 -2.07
CA GLU D 78 -27.27 -2.32 -1.57
C GLU D 78 -25.89 -1.67 -1.73
N LEU D 79 -24.82 -2.42 -1.50
CA LEU D 79 -23.48 -1.87 -1.59
C LEU D 79 -23.06 -1.60 -3.04
N ASP D 80 -23.73 -2.20 -4.01
CA ASP D 80 -23.40 -1.92 -5.41
C ASP D 80 -23.78 -0.51 -5.83
N GLY D 81 -24.65 0.15 -5.07
CA GLY D 81 -24.96 1.55 -5.33
C GLY D 81 -23.78 2.49 -5.12
N LEU D 82 -22.70 2.00 -4.51
CA LEU D 82 -21.52 2.82 -4.24
C LEU D 82 -20.65 3.04 -5.48
N VAL D 83 -20.89 2.33 -6.57
CA VAL D 83 -20.12 2.48 -7.79
C VAL D 83 -20.95 3.17 -8.88
N ALA D 84 -21.94 3.95 -8.50
CA ALA D 84 -22.91 4.47 -9.45
C ALA D 84 -22.29 5.50 -10.39
N ARG D 85 -22.68 5.42 -11.66
CA ARG D 85 -22.52 6.50 -12.63
C ARG D 85 -23.84 6.65 -13.37
N GLU D 86 -24.29 7.89 -13.54
CA GLU D 86 -25.51 8.16 -14.29
C GLU D 86 -25.21 8.92 -15.56
N MET D 87 -26.23 9.00 -16.40
CA MET D 87 -26.05 9.40 -17.79
C MET D 87 -25.70 10.87 -17.93
N ASN D 88 -25.88 11.66 -16.88
CA ASN D 88 -25.51 13.06 -16.94
C ASN D 88 -24.03 13.30 -16.66
N GLY D 89 -23.27 12.24 -16.40
CA GLY D 89 -21.85 12.36 -16.11
C GLY D 89 -21.51 12.36 -14.63
N HIS D 90 -22.49 12.59 -13.77
CA HIS D 90 -22.24 12.56 -12.33
C HIS D 90 -22.00 11.11 -11.89
N LYS D 91 -20.94 10.90 -11.12
CA LYS D 91 -20.58 9.54 -10.74
C LYS D 91 -19.87 9.51 -9.40
N MET D 92 -19.92 8.34 -8.78
CA MET D 92 -19.15 8.09 -7.56
C MET D 92 -17.69 7.84 -7.91
N ILE D 93 -16.80 8.48 -7.15
CA ILE D 93 -15.37 8.39 -7.38
C ILE D 93 -14.65 8.10 -6.07
N LEU D 94 -13.52 7.40 -6.18
CA LEU D 94 -12.50 7.29 -5.15
C LEU D 94 -13.07 7.02 -3.77
N PRO D 95 -13.54 5.80 -3.48
CA PRO D 95 -13.91 5.47 -2.11
C PRO D 95 -12.73 5.68 -1.17
N ILE D 96 -13.01 6.25 0.00
CA ILE D 96 -11.98 6.61 0.96
C ILE D 96 -11.91 5.48 1.99
N TRP D 97 -10.91 4.62 1.86
CA TRP D 97 -10.66 3.60 2.88
C TRP D 97 -10.22 4.29 4.16
N HIS D 98 -10.86 3.93 5.28
CA HIS D 98 -10.69 4.66 6.53
C HIS D 98 -11.10 3.74 7.66
N LYS D 99 -10.15 3.44 8.56
CA LYS D 99 -10.39 2.55 9.69
C LYS D 99 -11.06 1.25 9.24
N ILE D 100 -10.42 0.59 8.27
CA ILE D 100 -10.95 -0.63 7.68
C ILE D 100 -9.78 -1.51 7.27
N THR D 101 -10.04 -2.79 7.11
CA THR D 101 -9.03 -3.75 6.68
C THR D 101 -9.34 -4.24 5.26
N LYS D 102 -8.30 -4.74 4.60
CA LYS D 102 -8.47 -5.30 3.27
C LYS D 102 -9.36 -6.54 3.31
N ASN D 103 -9.25 -7.34 4.39
CA ASN D 103 -10.12 -8.49 4.56
C ASN D 103 -11.58 -8.06 4.64
N ASP D 104 -11.86 -6.93 5.30
CA ASP D 104 -13.24 -6.46 5.41
C ASP D 104 -13.80 -6.08 4.05
N VAL D 105 -13.02 -5.39 3.22
CA VAL D 105 -13.48 -5.04 1.88
C VAL D 105 -13.76 -6.31 1.08
N LEU D 106 -12.91 -7.33 1.22
CA LEU D 106 -13.10 -8.56 0.45
C LEU D 106 -14.29 -9.36 0.96
N ASP D 107 -14.52 -9.35 2.28
CA ASP D 107 -15.61 -10.16 2.83
C ASP D 107 -16.97 -9.52 2.57
N TYR D 108 -17.05 -8.20 2.72
CA TYR D 108 -18.34 -7.51 2.72
C TYR D 108 -18.67 -6.76 1.45
N SER D 109 -17.68 -6.35 0.65
CA SER D 109 -17.94 -5.62 -0.59
C SER D 109 -16.83 -5.90 -1.59
N PRO D 110 -16.73 -7.12 -2.10
CA PRO D 110 -15.58 -7.49 -2.94
C PRO D 110 -15.52 -6.77 -4.28
N ASN D 111 -16.59 -6.07 -4.67
CA ASN D 111 -16.54 -5.33 -5.94
C ASN D 111 -15.72 -4.05 -5.81
N LEU D 112 -15.65 -3.47 -4.62
CA LEU D 112 -14.82 -2.29 -4.37
C LEU D 112 -13.35 -2.63 -4.20
N ALA D 113 -13.00 -3.92 -4.22
CA ALA D 113 -11.64 -4.33 -3.88
C ALA D 113 -10.60 -3.80 -4.85
N ASP D 114 -10.96 -3.69 -6.13
CA ASP D 114 -10.00 -3.26 -7.16
C ASP D 114 -10.29 -1.88 -7.71
N LYS D 115 -11.18 -1.12 -7.08
CA LYS D 115 -11.43 0.26 -7.50
C LYS D 115 -10.36 1.17 -6.92
N VAL D 116 -9.99 2.20 -7.71
CA VAL D 116 -9.05 3.20 -7.21
C VAL D 116 -9.63 3.84 -5.96
N ALA D 117 -8.81 3.92 -4.92
CA ALA D 117 -9.31 4.35 -3.61
C ALA D 117 -8.27 5.20 -2.91
N LEU D 118 -8.76 6.06 -2.02
CA LEU D 118 -7.91 6.78 -1.09
C LEU D 118 -7.82 5.99 0.22
N ASN D 119 -6.88 6.39 1.07
CA ASN D 119 -6.54 5.59 2.26
C ASN D 119 -6.07 6.54 3.35
N THR D 120 -6.88 6.71 4.40
CA THR D 120 -6.54 7.65 5.45
C THR D 120 -5.47 7.15 6.41
N SER D 121 -5.07 5.88 6.31
CA SER D 121 -3.96 5.38 7.11
C SER D 121 -2.59 5.81 6.54
N VAL D 122 -2.53 6.11 5.25
CA VAL D 122 -1.31 6.54 4.61
C VAL D 122 -1.29 8.03 4.29
N ASN D 123 -2.44 8.70 4.22
CA ASN D 123 -2.51 10.10 3.85
C ASN D 123 -3.29 10.87 4.90
N SER D 124 -2.84 12.10 5.18
CA SER D 124 -3.52 12.95 6.15
C SER D 124 -4.80 13.53 5.56
N ILE D 125 -5.62 14.12 6.43
CA ILE D 125 -6.84 14.79 5.98
C ILE D 125 -6.52 15.86 4.94
N GLU D 126 -5.43 16.61 5.16
CA GLU D 126 -5.03 17.63 4.21
C GLU D 126 -4.65 17.01 2.86
N GLU D 127 -3.90 15.90 2.91
CA GLU D 127 -3.50 15.24 1.67
C GLU D 127 -4.69 14.59 0.96
N ILE D 128 -5.59 13.97 1.74
CA ILE D 128 -6.82 13.44 1.18
C ILE D 128 -7.58 14.54 0.44
N ALA D 129 -7.64 15.73 1.04
CA ALA D 129 -8.36 16.85 0.42
C ALA D 129 -7.75 17.22 -0.92
N HIS D 130 -6.43 17.38 -0.96
CA HIS D 130 -5.76 17.71 -2.22
C HIS D 130 -5.95 16.61 -3.25
N GLN D 131 -6.00 15.35 -2.81
CA GLN D 131 -6.23 14.25 -3.75
C GLN D 131 -7.62 14.36 -4.38
N LEU D 132 -8.64 14.63 -3.56
CA LEU D 132 -9.98 14.83 -4.11
C LEU D 132 -10.06 16.10 -4.94
N ALA D 133 -9.40 17.17 -4.47
CA ALA D 133 -9.43 18.44 -5.20
C ALA D 133 -8.73 18.31 -6.55
N ASP D 134 -7.72 17.44 -6.66
CA ASP D 134 -7.03 17.26 -7.93
C ASP D 134 -7.96 16.69 -9.00
N VAL D 135 -8.85 15.79 -8.61
CA VAL D 135 -9.78 15.19 -9.57
C VAL D 135 -10.92 16.15 -9.89
N ILE D 136 -11.37 16.92 -8.90
CA ILE D 136 -12.57 17.73 -9.08
C ILE D 136 -12.25 19.02 -9.84
N LEU D 137 -11.27 19.77 -9.37
CA LEU D 137 -10.97 21.08 -9.95
C LEU D 137 -9.98 20.97 -11.11
#